data_8HZA
#
_entry.id   8HZA
#
_cell.length_a   76.897
_cell.length_b   84.004
_cell.length_c   62.173
_cell.angle_alpha   90.00
_cell.angle_beta   100.27
_cell.angle_gamma   90.00
#
_symmetry.space_group_name_H-M   'C 1 2 1'
#
loop_
_entity.id
_entity.type
_entity.pdbx_description
1 polymer '4-hydroxyphenylpyruvate dioxygenase'
2 non-polymer 'COBALT (II) ION'
3 non-polymer 1,4-dimethyl-3-(oxan-4-ylmethyl)-5-(2-oxidanyl-6-oxidanylidene-cyclohexen-1-yl)carbonyl-benzimidazol-2-one
4 water water
#
_entity_poly.entity_id   1
_entity_poly.type   'polypeptide(L)'
_entity_poly.pdbx_seq_one_letter_code
;GSHMVRKNPKSDKFKVKRFHHIEFWCGDATNVARRFSWGLGMRFSAKSDLSTGNMVHASYLLTSGDLRFLFTAPYSPSLS
AGEIKPTTTASIPSFDHGSCRSFFSSHGLGVRAVAIEVEDAESAFSISVANGAIPSSPPIVLNEAVTIAEVKLYGDVVLR
YVSYKAEDTEKSEFLPGFERVEDASSFPLDYGIRRLDHAVGNVPELGPALTYVAGFTGFHQFAEFTADDVGTAESGLNSA
VLASNDEMVLLPINEPVHGTKRKSQIQTYLEHNEGAGLQHLALMSEDIFRTLREMRKRSSIGGFDFMPSPPPTYYQNLKK
RVGDVLSDDQIKECEELGILVDRDDQGTLLQIFTKPLGDRPTIFIEIIQRVGCMMKDEEGKAYQSGGCGGFGKGNFSLLF
KSIEEYEKTLEAKQLVG
;
_entity_poly.pdbx_strand_id   A
#
loop_
_chem_comp.id
_chem_comp.type
_chem_comp.name
_chem_comp.formula
CO non-polymer 'COBALT (II) ION' 'Co 2'
O4O non-polymer 1,4-dimethyl-3-(oxan-4-ylmethyl)-5-(2-oxidanyl-6-oxidanylidene-cyclohexen-1-yl)carbonyl-benzimidazol-2-one 'C22 H26 N2 O5'
#
# COMPACT_ATOMS: atom_id res chain seq x y z
N LYS A 7 1.86 -21.23 12.52
CA LYS A 7 1.46 -20.90 13.88
C LYS A 7 1.21 -19.41 14.03
N ASN A 8 0.21 -19.05 14.82
CA ASN A 8 -0.19 -17.67 15.04
C ASN A 8 -0.40 -17.44 16.53
N PRO A 9 0.60 -16.86 17.23
CA PRO A 9 0.48 -16.68 18.68
C PRO A 9 -0.50 -15.58 19.10
N LYS A 10 -1.04 -14.82 18.14
CA LYS A 10 -2.01 -13.75 18.41
C LYS A 10 -1.54 -12.82 19.52
N SER A 11 -0.39 -12.20 19.28
CA SER A 11 0.33 -11.44 20.31
C SER A 11 0.19 -9.93 20.14
N ASP A 12 -0.77 -9.44 19.34
CA ASP A 12 -0.98 -8.00 19.19
C ASP A 12 -1.09 -7.32 20.55
N LYS A 13 -0.36 -6.22 20.72
CA LYS A 13 -0.35 -5.54 22.01
C LYS A 13 -1.53 -4.59 22.17
N PHE A 14 -2.31 -4.38 21.12
CA PHE A 14 -3.54 -3.60 21.18
C PHE A 14 -4.45 -4.10 20.07
N LYS A 15 -5.74 -3.78 20.18
CA LYS A 15 -6.72 -4.30 19.24
C LYS A 15 -6.59 -3.56 17.91
N VAL A 16 -6.31 -4.30 16.84
CA VAL A 16 -6.16 -3.76 15.49
C VAL A 16 -7.31 -4.28 14.65
N LYS A 17 -7.88 -3.42 13.81
CA LYS A 17 -9.01 -3.86 13.01
C LYS A 17 -8.55 -4.11 11.57
N ARG A 18 -8.60 -3.09 10.72
CA ARG A 18 -8.22 -3.28 9.33
C ARG A 18 -7.37 -2.10 8.88
N PHE A 19 -6.72 -2.26 7.73
CA PHE A 19 -6.15 -1.10 7.05
C PHE A 19 -7.24 -0.07 6.85
N HIS A 20 -6.90 1.20 7.09
CA HIS A 20 -7.86 2.28 7.01
C HIS A 20 -7.62 3.17 5.80
N HIS A 21 -6.39 3.66 5.62
CA HIS A 21 -6.08 4.46 4.44
C HIS A 21 -4.58 4.50 4.24
N ILE A 22 -4.19 4.96 3.05
CA ILE A 22 -2.80 5.18 2.70
C ILE A 22 -2.71 6.65 2.31
N GLU A 23 -1.74 7.37 2.86
CA GLU A 23 -1.56 8.78 2.51
C GLU A 23 -0.28 8.98 1.72
N PHE A 24 -0.41 9.57 0.53
CA PHE A 24 0.71 10.04 -0.27
C PHE A 24 1.00 11.49 0.05
N TRP A 25 2.28 11.82 0.20
CA TRP A 25 2.70 13.20 0.27
C TRP A 25 3.19 13.63 -1.10
N CYS A 26 2.66 14.74 -1.58
CA CYS A 26 2.69 15.16 -2.98
C CYS A 26 3.21 16.59 -3.03
N GLY A 27 3.64 17.00 -4.22
CA GLY A 27 3.88 18.41 -4.41
C GLY A 27 2.63 19.13 -4.86
N ASP A 28 1.85 18.45 -5.69
CA ASP A 28 0.53 18.92 -6.11
C ASP A 28 -0.45 17.76 -5.97
N ALA A 29 -1.32 17.87 -4.97
CA ALA A 29 -2.23 16.76 -4.70
C ALA A 29 -3.27 16.60 -5.78
N THR A 30 -3.71 17.71 -6.40
CA THR A 30 -4.74 17.66 -7.42
C THR A 30 -4.33 16.79 -8.59
N ASN A 31 -3.13 17.01 -9.15
CA ASN A 31 -2.75 16.27 -10.35
C ASN A 31 -2.48 14.80 -10.05
N VAL A 32 -1.88 14.49 -8.92
CA VAL A 32 -1.67 13.07 -8.60
C VAL A 32 -3.02 12.39 -8.37
N ALA A 33 -3.91 13.05 -7.60
CA ALA A 33 -5.20 12.41 -7.31
C ALA A 33 -6.00 12.17 -8.59
N ARG A 34 -6.01 13.13 -9.51
CA ARG A 34 -6.79 12.92 -10.73
C ARG A 34 -6.19 11.80 -11.58
N ARG A 35 -4.86 11.74 -11.65
CA ARG A 35 -4.20 10.67 -12.41
C ARG A 35 -4.55 9.31 -11.82
N PHE A 36 -4.40 9.18 -10.50
CA PHE A 36 -4.71 7.91 -9.83
C PHE A 36 -6.18 7.55 -9.98
N SER A 37 -7.07 8.54 -9.90
CA SER A 37 -8.50 8.25 -9.99
C SER A 37 -8.82 7.57 -11.32
N TRP A 38 -8.32 8.14 -12.42
CA TRP A 38 -8.58 7.58 -13.73
C TRP A 38 -7.84 6.27 -13.94
N GLY A 39 -6.59 6.18 -13.47
CA GLY A 39 -5.78 4.99 -13.71
C GLY A 39 -6.27 3.77 -12.94
N LEU A 40 -6.80 3.95 -11.73
CA LEU A 40 -7.16 2.84 -10.85
C LEU A 40 -8.67 2.66 -10.70
N GLY A 41 -9.45 3.60 -11.20
CA GLY A 41 -10.90 3.52 -11.10
C GLY A 41 -11.38 3.82 -9.69
N MET A 42 -10.88 4.89 -9.09
CA MET A 42 -11.28 5.28 -7.75
C MET A 42 -12.05 6.59 -7.79
N ARG A 43 -13.09 6.68 -6.98
CA ARG A 43 -13.95 7.85 -6.95
C ARG A 43 -13.39 8.90 -6.00
N PHE A 44 -13.52 10.17 -6.40
CA PHE A 44 -13.27 11.29 -5.49
C PHE A 44 -14.37 11.34 -4.43
N SER A 45 -14.02 11.16 -3.16
CA SER A 45 -15.07 11.05 -2.16
C SER A 45 -15.01 12.07 -1.04
N ALA A 46 -13.85 12.68 -0.75
CA ALA A 46 -13.79 13.69 0.31
C ALA A 46 -12.65 14.64 0.00
N LYS A 47 -12.75 15.84 0.55
CA LYS A 47 -11.69 16.84 0.41
C LYS A 47 -11.52 17.65 1.68
N SER A 48 -10.30 18.16 1.86
CA SER A 48 -10.03 19.18 2.87
C SER A 48 -9.02 20.14 2.23
N ASP A 49 -9.41 21.39 2.03
CA ASP A 49 -8.58 22.30 1.24
C ASP A 49 -9.10 23.71 1.46
N LEU A 50 -8.65 24.66 0.64
CA LEU A 50 -9.08 26.05 0.82
C LEU A 50 -10.59 26.18 0.85
N SER A 51 -11.30 25.40 0.03
CA SER A 51 -12.74 25.55 -0.04
C SER A 51 -13.45 25.02 1.21
N THR A 52 -12.75 24.26 2.06
CA THR A 52 -13.30 23.81 3.33
C THR A 52 -12.69 24.54 4.51
N GLY A 53 -11.94 25.60 4.27
CA GLY A 53 -11.35 26.40 5.33
C GLY A 53 -9.97 25.97 5.76
N ASN A 54 -9.37 24.99 5.10
CA ASN A 54 -8.03 24.52 5.44
C ASN A 54 -7.01 25.40 4.72
N MET A 55 -6.30 26.24 5.49
CA MET A 55 -5.30 27.14 4.93
C MET A 55 -3.91 26.53 4.92
N VAL A 56 -3.78 25.26 5.33
CA VAL A 56 -2.49 24.63 5.58
C VAL A 56 -2.14 23.63 4.50
N HIS A 57 -3.04 22.69 4.23
CA HIS A 57 -2.74 21.64 3.27
C HIS A 57 -3.98 21.36 2.44
N ALA A 58 -3.74 20.90 1.21
CA ALA A 58 -4.78 20.36 0.35
C ALA A 58 -4.74 18.85 0.44
N SER A 59 -5.88 18.23 0.75
CA SER A 59 -5.96 16.78 0.91
C SER A 59 -7.19 16.27 0.17
N TYR A 60 -6.98 15.29 -0.72
CA TYR A 60 -8.06 14.72 -1.52
C TYR A 60 -8.12 13.22 -1.34
N LEU A 61 -9.31 12.71 -1.08
CA LEU A 61 -9.51 11.28 -0.78
C LEU A 61 -10.17 10.59 -1.97
N LEU A 62 -9.55 9.50 -2.43
CA LEU A 62 -10.13 8.60 -3.42
C LEU A 62 -10.54 7.29 -2.75
N THR A 63 -11.65 6.71 -3.17
CA THR A 63 -12.09 5.44 -2.60
C THR A 63 -12.44 4.45 -3.70
N SER A 64 -12.16 3.19 -3.44
CA SER A 64 -12.71 2.12 -4.28
C SER A 64 -13.04 0.97 -3.33
N GLY A 65 -14.33 0.70 -3.14
CA GLY A 65 -14.69 -0.24 -2.09
C GLY A 65 -14.23 0.26 -0.73
N ASP A 66 -13.44 -0.56 -0.03
CA ASP A 66 -12.87 -0.16 1.25
C ASP A 66 -11.49 0.45 1.11
N LEU A 67 -10.95 0.55 -0.11
CA LEU A 67 -9.63 1.11 -0.30
C LEU A 67 -9.71 2.63 -0.25
N ARG A 68 -8.85 3.25 0.54
CA ARG A 68 -8.83 4.70 0.70
C ARG A 68 -7.43 5.21 0.43
N PHE A 69 -7.28 6.02 -0.62
CA PHE A 69 -6.03 6.69 -0.96
C PHE A 69 -6.20 8.18 -0.69
N LEU A 70 -5.34 8.74 0.16
CA LEU A 70 -5.34 10.17 0.47
C LEU A 70 -4.11 10.82 -0.16
N PHE A 71 -4.31 11.97 -0.84
CA PHE A 71 -3.25 12.74 -1.49
C PHE A 71 -3.19 14.12 -0.85
N THR A 72 -2.03 14.47 -0.30
CA THR A 72 -1.86 15.70 0.45
C THR A 72 -0.63 16.46 -0.02
N ALA A 73 -0.78 17.77 -0.14
CA ALA A 73 0.29 18.69 -0.51
C ALA A 73 0.17 19.94 0.34
N PRO A 74 1.29 20.61 0.62
CA PRO A 74 1.23 21.84 1.42
C PRO A 74 0.94 23.07 0.58
N TYR A 75 0.18 24.01 1.17
CA TYR A 75 0.04 25.35 0.59
C TYR A 75 1.26 26.19 0.96
N SER A 76 1.32 27.42 0.45
CA SER A 76 2.30 28.38 0.94
C SER A 76 2.15 28.53 2.46
N PRO A 77 3.25 28.42 3.24
CA PRO A 77 3.13 28.69 4.68
C PRO A 77 2.56 30.05 5.00
N SER A 78 2.67 31.03 4.08
CA SER A 78 2.17 32.36 4.36
C SER A 78 0.67 32.39 4.62
N LEU A 79 -0.10 31.44 4.04
CA LEU A 79 -1.55 31.48 4.25
C LEU A 79 -1.91 31.23 5.70
N SER A 80 -1.06 30.53 6.43
CA SER A 80 -1.35 30.12 7.80
C SER A 80 -0.31 30.67 8.77
N ALA A 81 0.44 31.69 8.36
CA ALA A 81 1.55 32.15 9.17
C ALA A 81 1.10 32.71 10.52
N GLY A 82 -0.16 33.13 10.62
CA GLY A 82 -0.67 33.60 11.89
C GLY A 82 -1.21 32.52 12.80
N GLU A 83 -1.33 31.29 12.32
CA GLU A 83 -1.86 30.22 13.14
C GLU A 83 -0.80 29.64 14.06
N ILE A 84 -1.26 29.06 15.17
CA ILE A 84 -0.47 28.18 16.01
C ILE A 84 -1.22 26.86 16.09
N LYS A 85 -0.57 25.83 16.64
CA LYS A 85 -1.25 24.54 16.70
C LYS A 85 -2.61 24.63 17.38
N PRO A 86 -2.79 25.34 18.51
CA PRO A 86 -4.14 25.50 19.07
C PRO A 86 -5.16 26.15 18.13
N THR A 87 -4.73 26.98 17.17
CA THR A 87 -5.66 27.67 16.27
C THR A 87 -5.58 27.14 14.83
N THR A 88 -5.05 25.93 14.63
CA THR A 88 -4.79 25.46 13.26
C THR A 88 -6.08 25.22 12.48
N THR A 89 -6.03 25.51 11.17
CA THR A 89 -7.09 25.12 10.25
C THR A 89 -6.77 23.83 9.51
N ALA A 90 -5.61 23.22 9.75
CA ALA A 90 -5.32 21.90 9.20
C ALA A 90 -6.31 20.88 9.73
N SER A 91 -6.78 20.00 8.85
CA SER A 91 -7.64 18.91 9.27
C SER A 91 -6.85 17.69 9.73
N ILE A 92 -5.59 17.61 9.35
CA ILE A 92 -4.73 16.52 9.83
C ILE A 92 -3.67 17.16 10.71
N PRO A 93 -3.84 17.12 12.04
CA PRO A 93 -2.99 17.94 12.91
C PRO A 93 -1.54 17.52 12.92
N SER A 94 -1.23 16.28 12.50
CA SER A 94 0.17 15.88 12.37
C SER A 94 0.89 16.54 11.20
N PHE A 95 0.16 17.16 10.27
CA PHE A 95 0.81 17.72 9.10
C PHE A 95 1.77 18.85 9.48
N ASP A 96 2.92 18.87 8.81
CA ASP A 96 3.91 19.93 8.99
C ASP A 96 4.45 20.32 7.63
N HIS A 97 4.41 21.63 7.30
CA HIS A 97 4.91 22.10 6.02
C HIS A 97 6.34 21.63 5.77
N GLY A 98 7.22 21.87 6.74
CA GLY A 98 8.62 21.53 6.56
C GLY A 98 8.84 20.04 6.38
N SER A 99 8.15 19.22 7.18
CA SER A 99 8.26 17.77 7.06
C SER A 99 7.82 17.30 5.69
N CYS A 100 6.70 17.85 5.21
CA CYS A 100 6.16 17.43 3.92
C CYS A 100 7.10 17.84 2.78
N ARG A 101 7.58 19.08 2.81
CA ARG A 101 8.50 19.51 1.76
C ARG A 101 9.79 18.69 1.79
N SER A 102 10.32 18.45 3.00
CA SER A 102 11.53 17.65 3.13
C SER A 102 11.32 16.23 2.62
N PHE A 103 10.16 15.64 2.95
CA PHE A 103 9.85 14.29 2.48
C PHE A 103 9.83 14.23 0.96
N PHE A 104 9.12 15.17 0.31
CA PHE A 104 8.96 15.04 -1.14
C PHE A 104 10.27 15.42 -1.84
N SER A 105 11.02 16.37 -1.28
CA SER A 105 12.31 16.70 -1.89
C SER A 105 13.27 15.52 -1.78
N SER A 106 13.20 14.77 -0.68
CA SER A 106 14.13 13.66 -0.48
C SER A 106 13.70 12.42 -1.26
N HIS A 107 12.42 12.09 -1.22
CA HIS A 107 11.94 10.81 -1.73
C HIS A 107 11.17 10.89 -3.03
N GLY A 108 10.71 12.08 -3.45
CA GLY A 108 9.74 12.20 -4.51
C GLY A 108 8.39 11.69 -4.01
N LEU A 109 7.46 11.52 -4.95
CA LEU A 109 6.11 11.07 -4.63
C LEU A 109 6.11 9.70 -3.97
N GLY A 110 5.41 9.58 -2.86
CA GLY A 110 5.47 8.33 -2.13
C GLY A 110 4.53 8.34 -0.94
N VAL A 111 4.48 7.18 -0.28
CA VAL A 111 3.60 6.99 0.88
C VAL A 111 4.26 7.55 2.12
N ARG A 112 3.58 8.49 2.78
CA ARG A 112 3.99 9.00 4.09
C ARG A 112 3.38 8.17 5.22
N ALA A 113 2.12 7.76 5.08
CA ALA A 113 1.43 7.10 6.19
C ALA A 113 0.73 5.84 5.74
N VAL A 114 0.96 4.76 6.49
CA VAL A 114 0.15 3.54 6.43
C VAL A 114 -0.75 3.60 7.63
N ALA A 115 -2.05 3.78 7.41
CA ALA A 115 -2.98 3.99 8.51
C ALA A 115 -3.80 2.74 8.75
N ILE A 116 -3.83 2.30 10.01
CA ILE A 116 -4.67 1.18 10.41
C ILE A 116 -5.70 1.67 11.42
N GLU A 117 -6.90 1.09 11.36
CA GLU A 117 -7.93 1.44 12.33
C GLU A 117 -7.75 0.55 13.55
N VAL A 118 -7.82 1.16 14.73
CA VAL A 118 -7.65 0.46 16.00
C VAL A 118 -8.85 0.79 16.90
N GLU A 119 -8.94 0.05 18.00
CA GLU A 119 -10.00 0.33 18.98
C GLU A 119 -9.79 1.68 19.65
N ASP A 120 -8.54 2.01 19.99
CA ASP A 120 -8.26 3.18 20.80
C ASP A 120 -6.87 3.68 20.40
N ALA A 121 -6.83 4.75 19.59
CA ALA A 121 -5.56 5.23 19.05
C ALA A 121 -4.66 5.78 20.15
N GLU A 122 -5.24 6.36 21.20
CA GLU A 122 -4.42 6.83 22.32
C GLU A 122 -3.74 5.66 23.03
N SER A 123 -4.49 4.58 23.29
CA SER A 123 -3.88 3.40 23.90
C SER A 123 -2.86 2.76 22.98
N ALA A 124 -3.19 2.63 21.68
CA ALA A 124 -2.23 2.05 20.74
C ALA A 124 -0.94 2.85 20.72
N PHE A 125 -1.03 4.18 20.76
CA PHE A 125 0.16 5.00 20.76
C PHE A 125 0.97 4.77 22.03
N SER A 126 0.30 4.82 23.17
CA SER A 126 1.00 4.68 24.45
C SER A 126 1.68 3.32 24.57
N ILE A 127 0.94 2.25 24.25
CA ILE A 127 1.52 0.91 24.31
C ILE A 127 2.65 0.76 23.31
N SER A 128 2.49 1.28 22.10
CA SER A 128 3.56 1.18 21.11
C SER A 128 4.82 1.85 21.62
N VAL A 129 4.70 3.07 22.14
CA VAL A 129 5.88 3.81 22.55
C VAL A 129 6.51 3.16 23.78
N ALA A 130 5.67 2.63 24.68
CA ALA A 130 6.22 1.90 25.82
C ALA A 130 6.96 0.64 25.38
N ASN A 131 6.72 0.17 24.16
CA ASN A 131 7.35 -1.04 23.66
C ASN A 131 8.33 -0.75 22.53
N GLY A 132 8.87 0.47 22.48
CA GLY A 132 9.99 0.80 21.63
C GLY A 132 9.68 1.65 20.42
N ALA A 133 8.40 1.92 20.11
CA ALA A 133 8.08 2.74 18.95
C ALA A 133 8.60 4.16 19.13
N ILE A 134 9.16 4.72 18.04
CA ILE A 134 9.60 6.12 18.02
C ILE A 134 8.38 6.98 17.73
N PRO A 135 7.97 7.85 18.66
CA PRO A 135 6.78 8.66 18.42
C PRO A 135 7.01 9.66 17.29
N SER A 136 5.97 9.87 16.49
CA SER A 136 6.00 10.86 15.42
C SER A 136 5.00 11.98 15.62
N SER A 137 3.78 11.65 16.05
CA SER A 137 2.77 12.64 16.35
C SER A 137 1.88 12.10 17.46
N PRO A 138 1.70 12.83 18.54
CA PRO A 138 0.97 12.30 19.70
C PRO A 138 -0.51 12.19 19.41
N PRO A 139 -1.25 11.43 20.22
CA PRO A 139 -2.70 11.30 19.96
C PRO A 139 -3.37 12.66 20.06
N ILE A 140 -4.24 12.93 19.10
CA ILE A 140 -5.02 14.16 19.05
C ILE A 140 -6.46 13.77 18.73
N VAL A 141 -7.41 14.31 19.50
CA VAL A 141 -8.82 14.01 19.33
C VAL A 141 -9.44 15.09 18.45
N LEU A 142 -10.09 14.67 17.37
CA LEU A 142 -10.66 15.57 16.39
C LEU A 142 -12.17 15.62 16.58
N ASN A 143 -12.68 16.81 16.94
CA ASN A 143 -14.12 17.03 17.12
C ASN A 143 -14.75 16.02 18.07
N GLU A 144 -13.98 15.59 19.08
CA GLU A 144 -14.44 14.60 20.07
C GLU A 144 -14.97 13.33 19.41
N ALA A 145 -14.49 13.01 18.22
CA ALA A 145 -15.09 11.92 17.46
C ALA A 145 -14.07 10.92 16.94
N VAL A 146 -12.89 11.38 16.56
CA VAL A 146 -11.86 10.53 15.98
C VAL A 146 -10.54 10.86 16.66
N THR A 147 -9.71 9.85 16.90
CA THR A 147 -8.39 10.06 17.46
C THR A 147 -7.35 9.54 16.47
N ILE A 148 -6.31 10.34 16.23
CA ILE A 148 -5.21 9.97 15.35
C ILE A 148 -3.91 10.07 16.13
N ALA A 149 -2.99 9.14 15.87
CA ALA A 149 -1.65 9.16 16.43
C ALA A 149 -0.72 8.48 15.44
N GLU A 150 0.57 8.81 15.50
CA GLU A 150 1.53 8.30 14.53
C GLU A 150 2.84 7.92 15.20
N VAL A 151 3.42 6.78 14.78
CA VAL A 151 4.75 6.38 15.20
C VAL A 151 5.56 6.03 13.95
N LYS A 152 6.88 6.09 14.06
CA LYS A 152 7.72 5.79 12.91
C LYS A 152 7.64 4.31 12.56
N LEU A 153 7.54 4.02 11.26
CA LEU A 153 7.51 2.63 10.79
C LEU A 153 8.85 2.23 10.20
N TYR A 154 9.28 2.92 9.13
CA TYR A 154 10.61 2.78 8.57
C TYR A 154 10.87 4.01 7.71
N GLY A 155 12.15 4.39 7.60
CA GLY A 155 12.48 5.61 6.86
C GLY A 155 11.68 6.78 7.37
N ASP A 156 11.05 7.51 6.45
CA ASP A 156 10.13 8.58 6.81
C ASP A 156 8.67 8.17 6.67
N VAL A 157 8.37 6.88 6.69
CA VAL A 157 7.01 6.37 6.67
C VAL A 157 6.54 6.19 8.10
N VAL A 158 5.31 6.61 8.37
CA VAL A 158 4.74 6.46 9.71
C VAL A 158 3.62 5.43 9.66
N LEU A 159 3.44 4.73 10.79
CA LEU A 159 2.24 3.94 11.03
C LEU A 159 1.25 4.83 11.77
N ARG A 160 0.09 5.04 11.17
CA ARG A 160 -0.91 5.95 11.70
C ARG A 160 -2.02 5.13 12.34
N TYR A 161 -2.31 5.42 13.61
CA TYR A 161 -3.43 4.79 14.29
C TYR A 161 -4.64 5.71 14.21
N VAL A 162 -5.80 5.17 13.83
CA VAL A 162 -7.05 5.91 13.79
C VAL A 162 -8.09 5.10 14.56
N SER A 163 -8.81 5.77 15.47
CA SER A 163 -9.91 5.13 16.18
C SER A 163 -11.12 6.06 16.18
N TYR A 164 -12.31 5.48 16.09
CA TYR A 164 -13.56 6.22 15.99
C TYR A 164 -14.42 5.92 17.20
N LYS A 165 -15.05 6.96 17.76
CA LYS A 165 -16.01 6.75 18.84
C LYS A 165 -17.24 6.01 18.32
N ALA A 166 -17.86 6.51 17.27
CA ALA A 166 -19.05 5.87 16.71
C ALA A 166 -18.66 4.87 15.61
N GLU A 173 -17.33 11.72 6.53
CA GLU A 173 -17.15 10.79 7.65
C GLU A 173 -15.73 10.21 7.68
N PHE A 174 -14.88 10.61 6.73
CA PHE A 174 -13.49 10.18 6.74
C PHE A 174 -12.82 10.67 8.00
N LEU A 175 -12.57 11.97 8.06
CA LEU A 175 -12.06 12.66 9.23
C LEU A 175 -12.85 13.93 9.42
N PRO A 176 -13.00 14.42 10.65
CA PRO A 176 -13.62 15.73 10.85
C PRO A 176 -12.87 16.79 10.06
N GLY A 177 -13.62 17.75 9.53
CA GLY A 177 -13.04 18.78 8.70
C GLY A 177 -12.99 18.43 7.23
N PHE A 178 -13.16 17.16 6.87
CA PHE A 178 -13.28 16.79 5.47
C PHE A 178 -14.74 16.91 5.05
N GLU A 179 -14.93 17.29 3.80
CA GLU A 179 -16.28 17.43 3.21
C GLU A 179 -16.47 16.36 2.16
N ARG A 180 -17.67 15.81 2.08
CA ARG A 180 -18.06 14.81 1.07
C ARG A 180 -17.98 15.47 -0.31
N VAL A 181 -17.61 14.75 -1.36
CA VAL A 181 -17.41 15.50 -2.63
C VAL A 181 -18.66 15.60 -3.50
N GLU A 182 -18.88 16.84 -3.98
CA GLU A 182 -19.81 17.53 -4.93
C GLU A 182 -20.80 16.70 -5.77
N ASP A 183 -20.55 15.43 -6.10
CA ASP A 183 -21.39 14.56 -6.98
C ASP A 183 -21.08 14.84 -8.46
N ALA A 184 -21.08 16.08 -8.91
CA ALA A 184 -20.71 16.42 -10.30
C ALA A 184 -19.21 16.12 -10.48
N SER A 185 -18.45 16.41 -9.44
CA SER A 185 -16.99 16.15 -9.45
C SER A 185 -16.73 14.72 -9.00
N SER A 186 -17.77 13.98 -8.61
CA SER A 186 -17.59 12.62 -8.11
C SER A 186 -18.20 11.64 -9.13
N PHE A 187 -17.40 11.28 -10.12
CA PHE A 187 -17.78 10.30 -11.13
C PHE A 187 -17.60 8.90 -10.58
N PRO A 188 -18.60 8.01 -10.70
CA PRO A 188 -18.52 6.72 -10.00
C PRO A 188 -17.68 5.68 -10.75
N LEU A 189 -16.40 5.99 -10.95
CA LEU A 189 -15.51 5.01 -11.55
C LEU A 189 -15.36 3.79 -10.63
N ASP A 190 -15.18 2.63 -11.24
CA ASP A 190 -14.95 1.41 -10.47
C ASP A 190 -14.43 0.32 -11.38
N TYR A 191 -13.17 -0.08 -11.22
CA TYR A 191 -12.60 -1.16 -12.01
C TYR A 191 -12.53 -2.46 -11.21
N GLY A 192 -13.11 -2.50 -10.02
CA GLY A 192 -13.17 -3.72 -9.23
C GLY A 192 -12.25 -3.78 -8.03
N ILE A 193 -11.43 -2.76 -7.78
CA ILE A 193 -10.57 -2.81 -6.61
C ILE A 193 -11.38 -2.59 -5.34
N ARG A 194 -11.06 -3.36 -4.29
CA ARG A 194 -11.92 -3.39 -3.13
C ARG A 194 -11.23 -3.12 -1.79
N ARG A 195 -9.95 -3.47 -1.64
CA ARG A 195 -9.30 -3.19 -0.36
C ARG A 195 -7.79 -3.32 -0.49
N LEU A 196 -7.07 -2.81 0.51
CA LEU A 196 -5.63 -2.98 0.59
C LEU A 196 -5.32 -4.35 1.16
N ASP A 197 -4.55 -5.15 0.44
CA ASP A 197 -4.19 -6.46 0.96
C ASP A 197 -2.91 -6.42 1.77
N HIS A 198 -1.87 -5.73 1.29
CA HIS A 198 -0.65 -5.61 2.08
C HIS A 198 0.14 -4.40 1.60
N ALA A 199 1.04 -3.93 2.47
CA ALA A 199 1.86 -2.75 2.23
C ALA A 199 3.29 -3.10 2.60
N VAL A 200 4.21 -2.93 1.65
CA VAL A 200 5.55 -3.51 1.72
C VAL A 200 6.58 -2.40 1.83
N GLY A 201 7.51 -2.54 2.77
CA GLY A 201 8.62 -1.61 2.92
C GLY A 201 9.93 -2.20 2.46
N ASN A 202 10.83 -1.34 1.98
CA ASN A 202 12.21 -1.72 1.68
C ASN A 202 13.13 -1.05 2.70
N VAL A 203 14.06 -1.82 3.27
CA VAL A 203 15.00 -1.29 4.25
C VAL A 203 16.41 -1.82 3.90
N PRO A 204 17.44 -1.16 4.45
CA PRO A 204 18.80 -1.71 4.25
C PRO A 204 19.04 -2.98 5.06
N GLU A 205 18.43 -3.12 6.23
CA GLU A 205 18.68 -4.24 7.13
C GLU A 205 17.36 -4.81 7.65
N LEU A 206 17.03 -6.02 7.21
CA LEU A 206 15.74 -6.60 7.54
C LEU A 206 15.63 -6.93 9.03
N GLY A 207 16.69 -7.48 9.61
CA GLY A 207 16.66 -7.94 10.98
C GLY A 207 16.22 -6.86 11.96
N PRO A 208 16.95 -5.74 11.99
CA PRO A 208 16.59 -4.66 12.93
C PRO A 208 15.24 -4.03 12.63
N ALA A 209 14.83 -3.98 11.36
CA ALA A 209 13.51 -3.44 11.04
C ALA A 209 12.40 -4.33 11.59
N LEU A 210 12.54 -5.64 11.41
CA LEU A 210 11.54 -6.58 11.93
C LEU A 210 11.46 -6.51 13.44
N THR A 211 12.62 -6.57 14.10
CA THR A 211 12.66 -6.52 15.55
C THR A 211 11.95 -5.27 16.09
N TYR A 212 12.21 -4.12 15.47
CA TYR A 212 11.58 -2.87 15.88
C TYR A 212 10.06 -2.95 15.74
N VAL A 213 9.56 -3.22 14.53
CA VAL A 213 8.12 -3.16 14.32
C VAL A 213 7.38 -4.25 15.09
N ALA A 214 7.87 -5.49 15.01
CA ALA A 214 7.26 -6.55 15.80
C ALA A 214 7.36 -6.25 17.29
N GLY A 215 8.43 -5.55 17.69
CA GLY A 215 8.60 -5.19 19.10
C GLY A 215 7.46 -4.32 19.63
N PHE A 216 7.07 -3.28 18.87
CA PHE A 216 6.08 -2.36 19.42
C PHE A 216 4.63 -2.71 19.06
N THR A 217 4.40 -3.55 18.04
CA THR A 217 3.05 -3.96 17.69
C THR A 217 2.63 -5.28 18.31
N GLY A 218 3.57 -6.20 18.50
CA GLY A 218 3.18 -7.57 18.78
C GLY A 218 2.74 -8.33 17.54
N PHE A 219 2.88 -7.73 16.36
CA PHE A 219 2.62 -8.47 15.14
C PHE A 219 3.57 -9.66 15.04
N HIS A 220 3.07 -10.77 14.53
CA HIS A 220 3.84 -12.00 14.44
C HIS A 220 4.28 -12.25 13.01
N GLN A 221 5.28 -13.11 12.86
CA GLN A 221 5.75 -13.48 11.53
C GLN A 221 4.78 -14.41 10.85
N PHE A 222 4.39 -14.07 9.62
CA PHE A 222 3.50 -14.87 8.79
C PHE A 222 4.35 -15.85 7.97
N ALA A 223 4.04 -17.14 8.08
CA ALA A 223 4.92 -18.16 7.49
C ALA A 223 4.84 -18.17 5.97
N GLU A 224 5.98 -18.38 5.33
CA GLU A 224 6.10 -18.47 3.88
C GLU A 224 6.12 -19.93 3.42
N PHE A 225 5.88 -20.12 2.12
CA PHE A 225 5.50 -21.40 1.49
C PHE A 225 5.16 -22.52 2.48
N GLU A 234 18.46 -16.99 -4.97
CA GLU A 234 18.68 -15.57 -4.68
C GLU A 234 18.16 -14.69 -5.82
N SER A 235 17.08 -13.97 -5.55
CA SER A 235 16.48 -13.02 -6.48
C SER A 235 16.72 -11.58 -6.05
N GLY A 236 17.75 -11.34 -5.25
CA GLY A 236 18.12 -10.01 -4.83
C GLY A 236 17.49 -9.51 -3.56
N LEU A 237 16.69 -10.32 -2.86
CA LEU A 237 16.05 -9.84 -1.66
C LEU A 237 15.90 -10.96 -0.62
N ASN A 238 15.83 -10.54 0.64
CA ASN A 238 15.28 -11.33 1.71
C ASN A 238 14.06 -10.60 2.25
N SER A 239 13.02 -11.34 2.61
CA SER A 239 11.79 -10.70 3.05
C SER A 239 11.18 -11.48 4.19
N ALA A 240 10.30 -10.81 4.92
CA ALA A 240 9.50 -11.44 5.96
C ALA A 240 8.24 -10.61 6.12
N VAL A 241 7.19 -11.25 6.63
CA VAL A 241 5.87 -10.62 6.70
C VAL A 241 5.42 -10.58 8.15
N LEU A 242 5.05 -9.39 8.61
CA LEU A 242 4.46 -9.20 9.93
C LEU A 242 2.95 -9.09 9.80
N ALA A 243 2.22 -9.73 10.73
CA ALA A 243 0.78 -9.85 10.62
C ALA A 243 0.10 -9.56 11.94
N SER A 244 -1.10 -8.99 11.87
CA SER A 244 -1.95 -8.79 13.03
C SER A 244 -2.57 -10.12 13.45
N ASN A 245 -3.38 -10.09 14.51
CA ASN A 245 -3.93 -11.31 15.10
C ASN A 245 -4.75 -12.12 14.08
N ASP A 246 -5.66 -11.47 13.37
CA ASP A 246 -6.44 -12.17 12.36
C ASP A 246 -5.77 -12.13 10.98
N GLU A 247 -4.53 -11.63 10.91
CA GLU A 247 -3.69 -11.68 9.72
C GLU A 247 -4.34 -10.93 8.55
N MET A 248 -5.14 -9.91 8.87
CA MET A 248 -5.71 -9.02 7.86
C MET A 248 -4.93 -7.74 7.68
N VAL A 249 -4.11 -7.35 8.65
CA VAL A 249 -3.10 -6.31 8.45
C VAL A 249 -1.78 -7.01 8.20
N LEU A 250 -1.23 -6.85 7.01
CA LEU A 250 -0.02 -7.56 6.58
C LEU A 250 1.01 -6.54 6.14
N LEU A 251 2.17 -6.57 6.78
CA LEU A 251 3.23 -5.60 6.55
C LEU A 251 4.53 -6.33 6.24
N PRO A 252 4.73 -6.73 4.99
CA PRO A 252 6.02 -7.31 4.59
C PRO A 252 7.14 -6.26 4.57
N ILE A 253 8.36 -6.74 4.78
CA ILE A 253 9.57 -5.92 4.72
C ILE A 253 10.63 -6.68 3.94
N ASN A 254 11.33 -5.98 3.04
CA ASN A 254 12.41 -6.51 2.21
C ASN A 254 13.73 -5.86 2.58
N GLU A 255 14.81 -6.61 2.41
CA GLU A 255 16.17 -6.10 2.41
C GLU A 255 16.86 -6.57 1.15
N PRO A 256 17.89 -5.85 0.69
CA PRO A 256 18.61 -6.29 -0.50
C PRO A 256 19.56 -7.44 -0.19
N VAL A 257 19.83 -8.25 -1.21
CA VAL A 257 20.92 -9.23 -1.18
C VAL A 257 21.97 -8.76 -2.16
N HIS A 258 23.16 -8.45 -1.64
CA HIS A 258 24.22 -7.83 -2.43
C HIS A 258 25.08 -8.88 -3.13
N GLY A 259 25.76 -8.44 -4.18
CA GLY A 259 26.70 -9.29 -4.90
C GLY A 259 26.08 -10.23 -5.91
N THR A 260 24.77 -10.15 -6.13
CA THR A 260 24.10 -11.06 -7.05
C THR A 260 24.45 -10.71 -8.49
N LYS A 261 24.07 -11.61 -9.40
CA LYS A 261 24.29 -11.42 -10.83
C LYS A 261 23.67 -10.11 -11.30
N ARG A 262 22.35 -10.02 -11.28
CA ARG A 262 21.66 -8.76 -11.53
C ARG A 262 21.60 -7.95 -10.23
N LYS A 263 21.77 -6.63 -10.36
CA LYS A 263 21.73 -5.77 -9.18
C LYS A 263 20.38 -5.85 -8.50
N SER A 264 20.39 -5.89 -7.18
CA SER A 264 19.15 -6.04 -6.41
C SER A 264 18.22 -4.85 -6.64
N GLN A 265 16.97 -5.15 -7.02
CA GLN A 265 15.98 -4.09 -7.17
C GLN A 265 15.72 -3.38 -5.84
N ILE A 266 15.93 -4.07 -4.71
CA ILE A 266 15.78 -3.42 -3.42
C ILE A 266 16.86 -2.34 -3.24
N GLN A 267 18.09 -2.63 -3.69
CA GLN A 267 19.16 -1.65 -3.59
C GLN A 267 18.91 -0.46 -4.51
N THR A 268 18.44 -0.72 -5.74
CA THR A 268 18.08 0.39 -6.61
C THR A 268 17.02 1.27 -5.95
N TYR A 269 16.02 0.66 -5.32
CA TYR A 269 15.01 1.43 -4.59
C TYR A 269 15.67 2.34 -3.55
N LEU A 270 16.49 1.74 -2.68
CA LEU A 270 17.09 2.51 -1.60
C LEU A 270 17.92 3.67 -2.13
N GLU A 271 18.58 3.47 -3.27
CA GLU A 271 19.39 4.55 -3.84
C GLU A 271 18.51 5.67 -4.38
N HIS A 272 17.51 5.33 -5.19
CA HIS A 272 16.68 6.37 -5.80
C HIS A 272 15.72 7.02 -4.82
N ASN A 273 15.36 6.31 -3.74
CA ASN A 273 14.46 6.85 -2.74
C ASN A 273 15.17 7.63 -1.65
N GLU A 274 16.50 7.63 -1.65
CA GLU A 274 17.27 8.15 -0.53
C GLU A 274 16.91 7.42 0.76
N GLY A 275 16.92 6.09 0.68
CA GLY A 275 16.81 5.28 1.88
C GLY A 275 15.51 4.51 1.94
N ALA A 276 15.23 3.99 3.13
CA ALA A 276 14.07 3.13 3.34
C ALA A 276 12.76 3.84 3.06
N GLY A 277 11.76 3.07 2.67
CA GLY A 277 10.44 3.61 2.39
C GLY A 277 9.52 2.52 1.92
N LEU A 278 8.30 2.92 1.57
CA LEU A 278 7.30 1.97 1.12
C LEU A 278 7.56 1.59 -0.32
N GLN A 279 7.65 0.28 -0.58
CA GLN A 279 7.97 -0.23 -1.90
C GLN A 279 6.70 -0.48 -2.73
N HIS A 280 5.77 -1.29 -2.23
CA HIS A 280 4.58 -1.49 -3.03
C HIS A 280 3.32 -1.64 -2.19
N LEU A 281 2.20 -1.28 -2.81
CA LEU A 281 0.88 -1.48 -2.26
C LEU A 281 0.18 -2.54 -3.07
N ALA A 282 -0.31 -3.57 -2.40
CA ALA A 282 -1.04 -4.64 -3.08
C ALA A 282 -2.53 -4.41 -2.87
N LEU A 283 -3.28 -4.30 -3.97
CA LEU A 283 -4.68 -3.92 -3.93
C LEU A 283 -5.50 -5.12 -4.36
N MET A 284 -6.38 -5.60 -3.48
CA MET A 284 -7.21 -6.75 -3.81
C MET A 284 -8.33 -6.32 -4.76
N SER A 285 -8.53 -7.11 -5.81
CA SER A 285 -9.65 -6.94 -6.73
C SER A 285 -10.66 -8.06 -6.51
N GLU A 286 -11.94 -7.72 -6.59
CA GLU A 286 -12.96 -8.77 -6.61
C GLU A 286 -13.11 -9.40 -7.98
N ASP A 287 -12.39 -8.92 -8.98
CA ASP A 287 -12.45 -9.51 -10.33
C ASP A 287 -11.22 -9.01 -11.07
N ILE A 288 -10.09 -9.72 -10.91
CA ILE A 288 -8.81 -9.21 -11.39
C ILE A 288 -8.81 -9.13 -12.91
N PHE A 289 -9.59 -9.98 -13.59
CA PHE A 289 -9.69 -9.87 -15.04
C PHE A 289 -10.27 -8.54 -15.46
N ARG A 290 -11.38 -8.12 -14.82
CA ARG A 290 -11.98 -6.86 -15.17
C ARG A 290 -11.05 -5.70 -14.82
N THR A 291 -10.44 -5.77 -13.63
CA THR A 291 -9.55 -4.69 -13.20
C THR A 291 -8.44 -4.49 -14.22
N LEU A 292 -7.82 -5.59 -14.65
CA LEU A 292 -6.69 -5.45 -15.57
C LEU A 292 -7.14 -5.05 -16.96
N ARG A 293 -8.29 -5.57 -17.42
CA ARG A 293 -8.83 -5.06 -18.68
C ARG A 293 -8.99 -3.54 -18.62
N GLU A 294 -9.62 -3.04 -17.56
CA GLU A 294 -9.92 -1.62 -17.46
C GLU A 294 -8.64 -0.80 -17.28
N MET A 295 -7.69 -1.29 -16.46
CA MET A 295 -6.46 -0.52 -16.26
C MET A 295 -5.60 -0.51 -17.52
N ARG A 296 -5.52 -1.66 -18.23
CA ARG A 296 -4.69 -1.71 -19.42
C ARG A 296 -5.25 -0.86 -20.55
N LYS A 297 -6.57 -0.70 -20.60
CA LYS A 297 -7.18 0.18 -21.60
C LYS A 297 -6.72 1.62 -21.42
N ARG A 298 -6.37 1.99 -20.19
CA ARG A 298 -6.06 3.36 -19.88
C ARG A 298 -4.56 3.62 -19.70
N SER A 299 -3.71 2.61 -19.89
CA SER A 299 -2.28 2.77 -19.63
C SER A 299 -1.67 3.94 -20.38
N SER A 300 -2.03 4.08 -21.67
CA SER A 300 -1.41 5.08 -22.53
C SER A 300 -2.23 6.36 -22.64
N ILE A 301 -3.31 6.47 -21.87
CA ILE A 301 -4.14 7.66 -21.88
C ILE A 301 -4.33 8.16 -20.45
N GLY A 302 -3.24 8.16 -19.69
CA GLY A 302 -3.19 8.82 -18.40
C GLY A 302 -3.10 7.86 -17.22
N GLY A 303 -3.29 6.56 -17.44
CA GLY A 303 -3.31 5.60 -16.35
C GLY A 303 -1.94 5.03 -16.03
N PHE A 304 -1.91 3.75 -15.66
CA PHE A 304 -0.68 3.11 -15.22
C PHE A 304 -0.22 2.06 -16.23
N ASP A 305 1.09 1.92 -16.35
CA ASP A 305 1.71 0.89 -17.16
C ASP A 305 1.99 -0.34 -16.32
N PHE A 306 2.07 -1.49 -17.00
CA PHE A 306 2.36 -2.75 -16.34
C PHE A 306 3.71 -3.28 -16.80
N MET A 307 4.35 -4.05 -15.93
CA MET A 307 5.62 -4.69 -16.26
C MET A 307 5.45 -5.57 -17.49
N PRO A 308 6.54 -5.88 -18.19
CA PRO A 308 6.43 -6.77 -19.36
C PRO A 308 5.92 -8.15 -18.95
N SER A 309 5.10 -8.73 -19.81
CA SER A 309 4.42 -9.97 -19.45
C SER A 309 5.39 -11.15 -19.54
N PRO A 310 5.09 -12.24 -18.82
CA PRO A 310 5.94 -13.43 -18.93
C PRO A 310 5.78 -14.06 -20.31
N PRO A 311 6.72 -14.92 -20.71
CA PRO A 311 6.62 -15.56 -22.04
C PRO A 311 5.49 -16.58 -22.06
N PRO A 312 5.03 -16.96 -23.26
CA PRO A 312 3.93 -17.95 -23.33
C PRO A 312 4.26 -19.28 -22.68
N THR A 313 5.54 -19.64 -22.56
CA THR A 313 5.93 -20.84 -21.85
C THR A 313 5.43 -20.82 -20.41
N TYR A 314 5.41 -19.64 -19.79
CA TYR A 314 4.87 -19.51 -18.44
C TYR A 314 3.41 -19.93 -18.39
N TYR A 315 2.61 -19.50 -19.37
CA TYR A 315 1.21 -19.86 -19.36
C TYR A 315 0.99 -21.30 -19.79
N GLN A 316 1.89 -21.83 -20.63
CA GLN A 316 1.89 -23.27 -20.88
C GLN A 316 2.11 -24.04 -19.59
N ASN A 317 3.11 -23.65 -18.80
CA ASN A 317 3.42 -24.31 -17.54
C ASN A 317 2.37 -24.10 -16.48
N LEU A 318 1.36 -23.25 -16.72
CA LEU A 318 0.34 -23.02 -15.72
C LEU A 318 -0.61 -24.21 -15.61
N LYS A 319 -0.76 -24.99 -16.67
CA LYS A 319 -1.68 -26.13 -16.62
C LYS A 319 -1.28 -27.13 -15.53
N LYS A 320 0.00 -27.51 -15.49
CA LYS A 320 0.45 -28.46 -14.48
C LYS A 320 0.40 -27.88 -13.07
N ARG A 321 0.58 -26.56 -12.93
CA ARG A 321 0.66 -25.99 -11.59
C ARG A 321 -0.72 -25.68 -11.01
N VAL A 322 -1.65 -25.19 -11.83
CA VAL A 322 -2.92 -24.69 -11.30
C VAL A 322 -4.09 -25.13 -12.16
N GLY A 323 -3.88 -26.14 -13.01
CA GLY A 323 -4.95 -26.65 -13.86
C GLY A 323 -6.15 -27.19 -13.11
N ASP A 324 -6.01 -27.47 -11.83
CA ASP A 324 -7.15 -27.85 -11.00
C ASP A 324 -7.90 -26.65 -10.44
N VAL A 325 -7.37 -25.44 -10.61
CA VAL A 325 -7.96 -24.23 -10.06
C VAL A 325 -8.51 -23.32 -11.14
N LEU A 326 -7.83 -23.22 -12.27
CA LEU A 326 -8.27 -22.39 -13.38
C LEU A 326 -8.50 -23.25 -14.61
N SER A 327 -9.53 -22.91 -15.36
CA SER A 327 -9.79 -23.57 -16.63
C SER A 327 -8.80 -23.09 -17.70
N ASP A 328 -8.81 -23.78 -18.84
CA ASP A 328 -7.98 -23.35 -19.97
C ASP A 328 -8.35 -21.94 -20.40
N ASP A 329 -9.65 -21.62 -20.44
CA ASP A 329 -10.08 -20.27 -20.81
C ASP A 329 -9.65 -19.25 -19.76
N GLN A 330 -9.80 -19.59 -18.49
CA GLN A 330 -9.35 -18.69 -17.42
C GLN A 330 -7.84 -18.52 -17.47
N ILE A 331 -7.10 -19.59 -17.80
CA ILE A 331 -5.67 -19.47 -17.98
C ILE A 331 -5.35 -18.63 -19.21
N LYS A 332 -6.11 -18.80 -20.29
CA LYS A 332 -5.91 -17.96 -21.48
C LYS A 332 -6.20 -16.50 -21.17
N GLU A 333 -7.19 -16.24 -20.32
CA GLU A 333 -7.45 -14.87 -19.88
C GLU A 333 -6.27 -14.29 -19.11
N CYS A 334 -5.66 -15.10 -18.22
CA CYS A 334 -4.43 -14.67 -17.54
C CYS A 334 -3.35 -14.31 -18.55
N GLU A 335 -3.19 -15.13 -19.60
CA GLU A 335 -2.15 -14.85 -20.58
C GLU A 335 -2.43 -13.57 -21.35
N GLU A 336 -3.71 -13.32 -21.68
CA GLU A 336 -4.07 -12.10 -22.39
C GLU A 336 -3.74 -10.85 -21.58
N LEU A 337 -3.81 -10.94 -20.26
CA LEU A 337 -3.66 -9.78 -19.39
C LEU A 337 -2.29 -9.71 -18.72
N GLY A 338 -1.44 -10.71 -18.92
CA GLY A 338 -0.13 -10.73 -18.31
C GLY A 338 -0.12 -11.08 -16.84
N ILE A 339 -1.17 -11.72 -16.35
CA ILE A 339 -1.33 -12.04 -14.93
C ILE A 339 -0.39 -13.18 -14.56
N LEU A 340 0.21 -13.08 -13.37
CA LEU A 340 1.01 -14.14 -12.77
C LEU A 340 0.17 -14.93 -11.77
N VAL A 341 0.53 -16.21 -11.60
CA VAL A 341 -0.20 -17.12 -10.72
C VAL A 341 0.81 -17.84 -9.82
N ASP A 342 0.55 -17.83 -8.51
CA ASP A 342 1.31 -18.66 -7.59
C ASP A 342 0.35 -19.41 -6.67
N ARG A 343 0.91 -20.41 -5.99
CA ARG A 343 0.10 -21.29 -5.16
C ARG A 343 0.84 -21.65 -3.88
N ASP A 344 0.11 -21.62 -2.77
CA ASP A 344 0.55 -22.09 -1.46
C ASP A 344 0.21 -23.57 -1.30
N ASP A 345 0.27 -24.04 -0.06
CA ASP A 345 -0.39 -25.29 0.33
C ASP A 345 -1.84 -25.06 0.69
N GLN A 346 -2.28 -23.80 0.81
CA GLN A 346 -3.63 -23.45 1.19
C GLN A 346 -4.43 -22.80 0.08
N GLY A 347 -3.82 -21.93 -0.72
CA GLY A 347 -4.57 -21.18 -1.71
C GLY A 347 -3.75 -20.83 -2.94
N THR A 348 -4.41 -20.12 -3.86
CA THR A 348 -3.82 -19.69 -5.12
C THR A 348 -3.87 -18.17 -5.19
N LEU A 349 -2.83 -17.58 -5.77
CA LEU A 349 -2.70 -16.13 -5.89
C LEU A 349 -2.59 -15.74 -7.36
N LEU A 350 -3.40 -14.77 -7.78
CA LEU A 350 -3.25 -14.12 -9.07
C LEU A 350 -2.73 -12.71 -8.81
N GLN A 351 -1.68 -12.31 -9.52
CA GLN A 351 -1.04 -11.02 -9.23
C GLN A 351 -0.44 -10.41 -10.49
N ILE A 352 -0.28 -9.08 -10.47
CA ILE A 352 0.43 -8.39 -11.52
C ILE A 352 0.98 -7.09 -10.93
N PHE A 353 2.04 -6.58 -11.54
CA PHE A 353 2.74 -5.41 -11.01
C PHE A 353 2.74 -4.28 -12.02
N THR A 354 2.48 -3.07 -11.54
CA THR A 354 2.65 -1.90 -12.36
C THR A 354 4.11 -1.48 -12.43
N LYS A 355 4.43 -0.70 -13.46
CA LYS A 355 5.65 0.06 -13.48
C LYS A 355 5.57 1.10 -12.38
N PRO A 356 6.69 1.71 -12.01
CA PRO A 356 6.68 2.73 -10.95
C PRO A 356 5.60 3.79 -11.16
N LEU A 357 5.02 4.25 -10.04
CA LEU A 357 3.89 5.16 -10.10
C LEU A 357 4.30 6.58 -10.49
N GLY A 358 5.57 6.94 -10.28
CA GLY A 358 6.02 8.28 -10.59
C GLY A 358 7.38 8.29 -11.27
N ASP A 359 8.11 9.41 -11.14
CA ASP A 359 9.37 9.56 -11.88
C ASP A 359 10.42 8.55 -11.45
N ARG A 360 10.47 8.22 -10.16
CA ARG A 360 11.60 7.43 -9.66
C ARG A 360 11.26 5.94 -9.66
N PRO A 361 12.25 5.07 -9.85
CA PRO A 361 12.00 3.61 -9.80
C PRO A 361 11.91 3.14 -8.36
N THR A 362 10.83 3.56 -7.71
CA THR A 362 10.66 3.31 -6.28
C THR A 362 9.33 2.60 -6.05
N ILE A 363 8.28 3.36 -5.75
CA ILE A 363 6.99 2.75 -5.41
C ILE A 363 6.28 2.26 -6.66
N PHE A 364 5.63 1.10 -6.55
CA PHE A 364 4.76 0.57 -7.60
C PHE A 364 3.54 -0.07 -6.93
N ILE A 365 2.59 -0.53 -7.75
CA ILE A 365 1.36 -1.12 -7.24
C ILE A 365 1.29 -2.55 -7.73
N GLU A 366 0.73 -3.41 -6.89
CA GLU A 366 0.41 -4.78 -7.24
C GLU A 366 -1.10 -4.94 -7.20
N ILE A 367 -1.66 -5.59 -8.21
CA ILE A 367 -3.08 -5.97 -8.17
C ILE A 367 -3.12 -7.47 -7.91
N ILE A 368 -4.01 -7.89 -6.99
CA ILE A 368 -4.08 -9.31 -6.63
C ILE A 368 -5.52 -9.75 -6.48
N GLN A 369 -5.70 -11.06 -6.60
CA GLN A 369 -6.92 -11.71 -6.16
C GLN A 369 -6.52 -13.09 -5.63
N ARG A 370 -7.16 -13.49 -4.53
CA ARG A 370 -6.84 -14.74 -3.86
C ARG A 370 -8.01 -15.70 -3.96
N VAL A 371 -7.72 -16.98 -4.11
CA VAL A 371 -8.77 -17.98 -4.20
C VAL A 371 -8.43 -19.13 -3.27
N GLY A 372 -9.39 -19.50 -2.40
CA GLY A 372 -9.19 -20.55 -1.43
C GLY A 372 -9.34 -20.05 0.00
N CYS A 373 -8.88 -20.85 0.96
CA CYS A 373 -8.88 -20.49 2.38
C CYS A 373 -10.21 -19.88 2.82
N MET A 374 -11.29 -20.57 2.47
CA MET A 374 -12.62 -20.13 2.86
C MET A 374 -12.97 -20.69 4.24
N MET A 375 -13.50 -19.82 5.10
CA MET A 375 -13.95 -20.22 6.42
C MET A 375 -15.40 -19.79 6.59
N TYR A 383 -16.01 -16.12 4.84
CA TYR A 383 -14.93 -15.16 4.64
C TYR A 383 -13.64 -15.86 4.22
N GLN A 384 -12.70 -15.08 3.67
CA GLN A 384 -11.40 -15.59 3.25
C GLN A 384 -10.35 -15.20 4.28
N SER A 385 -9.51 -16.16 4.68
CA SER A 385 -8.47 -15.85 5.64
C SER A 385 -7.36 -15.05 4.98
N GLY A 386 -6.69 -14.23 5.79
CA GLY A 386 -5.71 -13.31 5.24
C GLY A 386 -4.50 -14.03 4.67
N GLY A 387 -3.94 -13.45 3.61
CA GLY A 387 -2.73 -13.99 3.02
C GLY A 387 -2.88 -15.29 2.27
N CYS A 388 -4.13 -15.69 1.96
CA CYS A 388 -4.41 -16.94 1.24
C CYS A 388 -3.61 -17.06 -0.05
N GLY A 389 -2.69 -18.02 -0.11
CA GLY A 389 -1.88 -18.23 -1.29
C GLY A 389 -0.51 -17.62 -1.21
N GLY A 390 -0.23 -16.83 -0.18
CA GLY A 390 1.09 -16.26 0.00
C GLY A 390 1.26 -14.95 -0.73
N PHE A 391 2.47 -14.68 -1.20
CA PHE A 391 2.78 -13.38 -1.80
C PHE A 391 3.47 -13.51 -3.14
N GLY A 392 3.57 -14.73 -3.68
CA GLY A 392 4.07 -14.95 -5.02
C GLY A 392 5.56 -15.18 -5.13
N LYS A 393 6.24 -15.45 -4.00
CA LYS A 393 7.68 -15.70 -4.06
C LYS A 393 8.01 -16.87 -4.97
N GLY A 394 7.08 -17.81 -5.17
CA GLY A 394 7.31 -18.88 -6.12
C GLY A 394 7.45 -18.42 -7.55
N ASN A 395 6.94 -17.23 -7.88
CA ASN A 395 7.02 -16.77 -9.25
C ASN A 395 8.43 -16.36 -9.67
N PHE A 396 9.37 -16.26 -8.73
CA PHE A 396 10.76 -16.02 -9.12
C PHE A 396 11.32 -17.22 -9.88
N SER A 397 11.16 -18.42 -9.32
CA SER A 397 11.61 -19.63 -10.00
C SER A 397 10.86 -19.84 -11.32
N LEU A 398 9.54 -19.71 -11.28
CA LEU A 398 8.75 -20.04 -12.46
C LEU A 398 8.96 -19.02 -13.59
N LEU A 399 9.26 -17.77 -13.25
CA LEU A 399 9.58 -16.79 -14.29
C LEU A 399 10.93 -17.09 -14.91
N PHE A 400 11.97 -17.32 -14.08
CA PHE A 400 13.26 -17.74 -14.59
C PHE A 400 13.13 -19.04 -15.36
N LYS A 401 12.36 -20.00 -14.83
CA LYS A 401 12.14 -21.25 -15.54
C LYS A 401 11.42 -21.02 -16.86
N SER A 402 10.57 -20.00 -16.94
CA SER A 402 9.89 -19.73 -18.20
C SER A 402 10.82 -19.04 -19.20
N ILE A 403 11.79 -18.26 -18.72
CA ILE A 403 12.56 -17.39 -19.59
C ILE A 403 13.51 -18.18 -20.49
N GLU A 404 14.34 -19.04 -19.90
CA GLU A 404 15.19 -19.89 -20.73
C GLU A 404 14.38 -20.90 -21.54
N GLU A 405 13.23 -21.33 -21.01
CA GLU A 405 12.36 -22.21 -21.79
C GLU A 405 11.90 -21.54 -23.09
N TYR A 406 11.50 -20.27 -23.01
CA TYR A 406 11.13 -19.55 -24.22
C TYR A 406 12.35 -19.22 -25.08
N GLU A 407 13.51 -19.04 -24.45
CA GLU A 407 14.73 -18.91 -25.22
C GLU A 407 15.06 -20.20 -25.95
N LYS A 408 14.64 -21.34 -25.40
CA LYS A 408 14.94 -22.65 -25.97
C LYS A 408 14.13 -22.96 -27.21
N THR A 409 13.11 -22.16 -27.53
CA THR A 409 12.31 -22.35 -28.74
C THR A 409 13.20 -22.34 -29.99
CO CO B . 3.23 -8.23 -2.89
C10 O4O C . 6.28 -10.04 -5.30
C13 O4O C . 6.63 -11.95 -7.08
C15 O4O C . 8.02 -9.72 -7.29
C17 O4O C . 7.62 -7.79 -5.43
C22 O4O C . 8.41 -12.55 -9.78
C24 O4O C . 9.36 -6.79 -9.16
C26 O4O C . 7.72 -5.90 -10.72
C28 O4O C . 9.01 -4.34 -9.37
C1 O4O C . 5.95 -10.06 -0.05
C2 O4O C . 7.43 -10.36 -0.03
C3 O4O C . 7.79 -11.32 -1.15
C4 O4O C . 7.42 -10.81 -2.53
C5 O4O C . 6.16 -9.95 -2.68
C6 O4O C . 5.50 -9.48 -1.38
C9 O4O C . 5.59 -9.54 -4.05
C12 O4O C . 5.94 -11.43 -5.83
C14 O4O C . 7.67 -11.07 -7.79
C16 O4O C . 7.31 -9.17 -6.01
C19 O4O C . 9.30 -10.16 -9.24
C23 O4O C . 9.67 -7.86 -8.03
C25 O4O C . 8.03 -7.01 -9.73
C29 O4O C . 9.52 -5.47 -8.49
N18 O4O C . 8.46 -11.34 -8.98
N20 O4O C . 9.02 -9.15 -8.19
O7 O4O C . 4.28 -8.81 -1.41
O8 O4O C . 8.14 -11.09 -3.44
O11 O4O C . 4.61 -8.87 -4.16
O21 O4O C . 10.07 -10.04 -10.13
O27 O4O C . 8.75 -4.84 -10.72
#